data_2JUR
#
_entry.id   2JUR
#
_entity_poly.entity_id   1
_entity_poly.type   'polypeptide(L)'
_entity_poly.pdbx_seq_one_letter_code
;GCCSEPRCRYRCR
;
_entity_poly.pdbx_strand_id   A
#
# COMPACT_ATOMS: atom_id res chain seq x y z
N GLY A 1 0.59 -0.01 -8.43
CA GLY A 1 1.29 -0.45 -7.18
C GLY A 1 1.07 0.58 -6.09
N CYS A 2 1.33 0.21 -4.86
CA CYS A 2 1.15 1.17 -3.73
C CYS A 2 1.46 0.46 -2.42
N CYS A 3 1.06 -0.77 -2.31
CA CYS A 3 1.34 -1.54 -1.06
C CYS A 3 2.82 -1.46 -0.71
N SER A 4 3.69 -1.61 -1.67
CA SER A 4 5.14 -1.53 -1.39
C SER A 4 5.46 -0.23 -0.64
N GLU A 5 4.73 0.81 -0.89
CA GLU A 5 5.01 2.10 -0.21
C GLU A 5 4.20 2.19 1.10
N PRO A 6 4.66 3.05 1.97
CA PRO A 6 4.00 3.24 3.28
C PRO A 6 2.66 3.99 3.12
N ARG A 7 2.54 4.77 2.09
CA ARG A 7 1.27 5.53 1.89
C ARG A 7 0.09 4.56 1.72
N CYS A 8 0.33 3.41 1.16
CA CYS A 8 -0.79 2.45 0.96
C CYS A 8 -0.64 1.24 1.90
N ARG A 9 -0.87 1.44 3.18
CA ARG A 9 -0.75 0.31 4.14
C ARG A 9 -1.85 -0.72 3.90
N TYR A 10 -3.03 -0.49 4.41
CA TYR A 10 -4.14 -1.45 4.19
C TYR A 10 -4.92 -1.08 2.92
N ARG A 11 -4.59 0.02 2.31
CA ARG A 11 -5.32 0.45 1.08
C ARG A 11 -4.96 -0.46 -0.11
N CYS A 12 -3.72 -0.50 -0.47
CA CYS A 12 -3.30 -1.36 -1.62
C CYS A 12 -4.06 -2.69 -1.61
N ARG A 13 -4.69 -3.04 -2.70
CA ARG A 13 -5.44 -4.31 -2.77
C ARG A 13 -4.54 -5.44 -3.26
N GLY A 1 0.63 -1.37 -8.14
CA GLY A 1 0.77 -1.83 -6.72
C GLY A 1 1.35 -0.70 -5.88
N CYS A 2 0.66 -0.29 -4.85
CA CYS A 2 1.16 0.81 -3.98
C CYS A 2 1.45 0.28 -2.58
N CYS A 3 0.96 -0.88 -2.26
CA CYS A 3 1.21 -1.44 -0.89
C CYS A 3 2.71 -1.40 -0.57
N SER A 4 3.54 -1.35 -1.58
CA SER A 4 5.01 -1.31 -1.34
C SER A 4 5.39 -0.05 -0.55
N GLU A 5 4.73 1.05 -0.82
CA GLU A 5 5.05 2.31 -0.09
C GLU A 5 4.36 2.33 1.27
N PRO A 6 4.84 3.19 2.13
CA PRO A 6 4.28 3.31 3.49
C PRO A 6 2.94 4.04 3.45
N ARG A 7 2.55 4.54 2.30
CA ARG A 7 1.25 5.27 2.20
C ARG A 7 0.11 4.29 1.91
N CYS A 8 0.29 3.41 0.97
CA CYS A 8 -0.78 2.43 0.65
C CYS A 8 -0.71 1.23 1.59
N ARG A 9 -0.71 1.47 2.87
CA ARG A 9 -0.63 0.35 3.85
C ARG A 9 -1.78 -0.65 3.61
N TYR A 10 -2.90 -0.45 4.26
CA TYR A 10 -4.04 -1.40 4.08
C TYR A 10 -4.94 -0.95 2.92
N ARG A 11 -4.64 0.15 2.30
CA ARG A 11 -5.49 0.63 1.18
C ARG A 11 -5.08 -0.03 -0.14
N CYS A 12 -4.01 -0.77 -0.15
CA CYS A 12 -3.57 -1.44 -1.40
C CYS A 12 -4.44 -2.66 -1.69
N ARG A 13 -5.74 -2.48 -1.73
CA ARG A 13 -6.64 -3.63 -2.00
C ARG A 13 -6.16 -4.87 -1.25
N GLY A 1 0.04 -1.54 -7.52
CA GLY A 1 0.93 -2.08 -6.46
C GLY A 1 1.38 -0.94 -5.55
N CYS A 2 0.48 -0.39 -4.78
CA CYS A 2 0.86 0.72 -3.86
C CYS A 2 1.23 0.17 -2.48
N CYS A 3 0.74 -0.98 -2.15
CA CYS A 3 1.06 -1.57 -0.80
C CYS A 3 2.55 -1.44 -0.51
N SER A 4 3.37 -1.34 -1.52
CA SER A 4 4.84 -1.21 -1.29
C SER A 4 5.10 -0.15 -0.22
N GLU A 5 4.89 1.10 -0.55
CA GLU A 5 5.14 2.18 0.44
C GLU A 5 4.11 2.10 1.58
N PRO A 6 4.34 2.91 2.59
CA PRO A 6 3.44 2.94 3.75
C PRO A 6 2.25 3.87 3.48
N ARG A 7 2.32 4.64 2.44
CA ARG A 7 1.20 5.56 2.11
C ARG A 7 -0.01 4.78 1.59
N CYS A 8 0.18 3.53 1.26
CA CYS A 8 -0.97 2.72 0.75
C CYS A 8 -0.85 1.28 1.23
N ARG A 9 0.07 1.01 2.12
CA ARG A 9 0.23 -0.38 2.62
C ARG A 9 -1.12 -0.93 3.11
N TYR A 10 -1.92 -0.10 3.74
CA TYR A 10 -3.25 -0.57 4.23
C TYR A 10 -4.32 -0.35 3.17
N ARG A 11 -4.18 0.66 2.35
CA ARG A 11 -5.22 0.92 1.30
C ARG A 11 -4.93 0.10 0.05
N CYS A 12 -3.83 -0.61 0.03
CA CYS A 12 -3.50 -1.43 -1.17
C CYS A 12 -4.45 -2.63 -1.27
N ARG A 13 -5.14 -2.95 -0.19
CA ARG A 13 -6.07 -4.09 -0.23
C ARG A 13 -7.48 -3.61 -0.64
N GLY A 1 -2.94 -0.74 -5.74
CA GLY A 1 -1.82 -1.72 -5.86
C GLY A 1 -0.51 -1.05 -5.49
N CYS A 2 -0.46 -0.42 -4.34
CA CYS A 2 0.79 0.26 -3.92
C CYS A 2 1.20 -0.19 -2.51
N CYS A 3 0.84 -1.39 -2.13
CA CYS A 3 1.20 -1.89 -0.77
C CYS A 3 2.64 -1.49 -0.42
N SER A 4 3.52 -1.53 -1.39
CA SER A 4 4.94 -1.15 -1.13
C SER A 4 5.01 0.08 -0.21
N GLU A 5 4.74 1.23 -0.74
CA GLU A 5 4.81 2.48 0.09
C GLU A 5 3.96 2.31 1.36
N PRO A 6 4.42 2.93 2.42
CA PRO A 6 3.71 2.87 3.71
C PRO A 6 2.44 3.72 3.67
N ARG A 7 2.39 4.67 2.78
CA ARG A 7 1.18 5.53 2.69
C ARG A 7 0.02 4.75 2.09
N CYS A 8 0.32 3.73 1.32
CA CYS A 8 -0.77 2.90 0.71
C CYS A 8 -0.73 1.48 1.25
N ARG A 9 0.17 1.20 2.16
CA ARG A 9 0.27 -0.17 2.74
C ARG A 9 -1.12 -0.70 3.10
N TYR A 10 -2.06 0.18 3.32
CA TYR A 10 -3.43 -0.27 3.69
C TYR A 10 -4.08 -1.04 2.52
N ARG A 11 -4.38 -0.36 1.46
CA ARG A 11 -5.03 -1.04 0.29
C ARG A 11 -3.98 -1.75 -0.57
N CYS A 12 -3.31 -2.74 -0.04
CA CYS A 12 -2.28 -3.47 -0.84
C CYS A 12 -2.92 -4.02 -2.12
N ARG A 13 -3.63 -5.12 -2.00
CA ARG A 13 -4.27 -5.71 -3.21
C ARG A 13 -5.49 -6.55 -2.79
N GLY A 1 -3.60 -1.17 -4.34
CA GLY A 1 -2.20 -1.68 -4.28
C GLY A 1 -1.36 -0.75 -3.39
N CYS A 2 -0.30 -0.20 -3.93
CA CYS A 2 0.55 0.71 -3.13
C CYS A 2 1.13 0.02 -1.89
N CYS A 3 0.95 -1.27 -1.76
CA CYS A 3 1.52 -1.97 -0.57
C CYS A 3 3.03 -1.80 -0.54
N SER A 4 3.62 -1.44 -1.64
CA SER A 4 5.09 -1.25 -1.68
C SER A 4 5.52 -0.12 -0.74
N GLU A 5 4.75 0.94 -0.70
CA GLU A 5 5.09 2.07 0.20
C GLU A 5 4.08 2.17 1.36
N PRO A 6 4.49 2.83 2.41
CA PRO A 6 3.61 3.00 3.58
C PRO A 6 2.47 3.97 3.26
N ARG A 7 2.65 4.79 2.26
CA ARG A 7 1.57 5.76 1.90
C ARG A 7 0.21 5.08 1.96
N CYS A 8 0.09 3.95 1.31
CA CYS A 8 -1.21 3.22 1.31
C CYS A 8 -0.95 1.72 1.43
N ARG A 9 -0.30 1.30 2.48
CA ARG A 9 -0.02 -0.15 2.66
C ARG A 9 -1.28 -0.89 3.12
N TYR A 10 -2.37 -0.18 3.24
CA TYR A 10 -3.64 -0.82 3.68
C TYR A 10 -4.42 -1.37 2.47
N ARG A 11 -4.43 -0.64 1.38
CA ARG A 11 -5.19 -1.09 0.18
C ARG A 11 -4.31 -1.93 -0.75
N CYS A 12 -3.63 -2.92 -0.22
CA CYS A 12 -2.76 -3.78 -1.07
C CYS A 12 -3.61 -4.59 -2.05
N ARG A 13 -4.09 -3.98 -3.10
CA ARG A 13 -4.93 -4.71 -4.09
C ARG A 13 -6.30 -5.04 -3.49
N GLY A 1 0.58 -2.22 -7.11
CA GLY A 1 1.57 -2.47 -6.03
C GLY A 1 1.55 -1.31 -5.03
N CYS A 2 0.38 -0.95 -4.55
CA CYS A 2 0.30 0.16 -3.58
C CYS A 2 1.05 -0.18 -2.30
N CYS A 3 1.01 -1.43 -1.89
CA CYS A 3 1.74 -1.83 -0.65
C CYS A 3 3.20 -1.39 -0.72
N SER A 4 3.69 -1.11 -1.90
CA SER A 4 5.12 -0.67 -2.03
C SER A 4 5.45 0.33 -0.92
N GLU A 5 4.96 1.54 -1.03
CA GLU A 5 5.25 2.56 0.01
C GLU A 5 4.40 2.30 1.26
N PRO A 6 4.75 2.99 2.32
CA PRO A 6 4.02 2.84 3.59
C PRO A 6 2.76 3.71 3.59
N ARG A 7 2.57 4.51 2.57
CA ARG A 7 1.35 5.37 2.51
C ARG A 7 0.14 4.57 2.03
N CYS A 8 0.38 3.48 1.35
CA CYS A 8 -0.76 2.66 0.85
C CYS A 8 -0.74 1.28 1.52
N ARG A 9 -0.56 1.23 2.81
CA ARG A 9 -0.53 -0.08 3.51
C ARG A 9 -1.96 -0.59 3.74
N TYR A 10 -2.94 0.25 3.53
CA TYR A 10 -4.35 -0.20 3.74
C TYR A 10 -4.74 -1.25 2.69
N ARG A 11 -5.40 -0.84 1.64
CA ARG A 11 -5.79 -1.85 0.59
C ARG A 11 -4.72 -1.93 -0.49
N CYS A 12 -3.81 -2.85 -0.36
CA CYS A 12 -2.73 -2.98 -1.39
C CYS A 12 -3.30 -3.62 -2.66
N ARG A 13 -4.15 -4.61 -2.51
CA ARG A 13 -4.74 -5.27 -3.71
C ARG A 13 -5.83 -4.38 -4.31
N GLY A 1 -1.54 -1.25 -6.65
CA GLY A 1 -0.20 -1.87 -6.47
C GLY A 1 0.71 -0.92 -5.67
N CYS A 2 0.20 -0.35 -4.62
CA CYS A 2 1.02 0.59 -3.81
C CYS A 2 1.28 -0.01 -2.42
N CYS A 3 0.85 -1.22 -2.19
CA CYS A 3 1.08 -1.85 -0.86
C CYS A 3 2.57 -1.82 -0.51
N SER A 4 3.41 -1.64 -1.49
CA SER A 4 4.88 -1.60 -1.21
C SER A 4 5.32 -0.17 -0.89
N GLU A 5 4.42 0.64 -0.41
CA GLU A 5 4.79 2.05 -0.08
C GLU A 5 4.43 2.36 1.38
N PRO A 6 4.98 3.43 1.88
CA PRO A 6 4.72 3.84 3.28
C PRO A 6 3.31 4.41 3.43
N ARG A 7 2.91 5.24 2.51
CA ARG A 7 1.55 5.84 2.59
C ARG A 7 0.48 4.76 2.32
N CYS A 8 0.44 4.23 1.13
CA CYS A 8 -0.57 3.18 0.81
C CYS A 8 -0.41 1.99 1.76
N ARG A 9 -1.36 1.77 2.63
CA ARG A 9 -1.26 0.62 3.57
C ARG A 9 -2.13 -0.55 3.09
N TYR A 10 -2.76 -1.24 4.00
CA TYR A 10 -3.62 -2.39 3.61
C TYR A 10 -4.61 -2.01 2.52
N ARG A 11 -4.84 -0.74 2.32
CA ARG A 11 -5.80 -0.30 1.27
C ARG A 11 -5.42 -0.90 -0.09
N CYS A 12 -4.23 -1.40 -0.23
CA CYS A 12 -3.80 -2.00 -1.53
C CYS A 12 -4.63 -3.24 -1.86
N ARG A 13 -5.92 -3.10 -1.95
CA ARG A 13 -6.78 -4.27 -2.27
C ARG A 13 -7.99 -3.82 -3.10
N GLY A 1 1.23 -1.50 -7.73
CA GLY A 1 0.77 -1.81 -6.35
C GLY A 1 1.39 -0.81 -5.37
N CYS A 2 0.59 0.02 -4.78
CA CYS A 2 1.13 1.01 -3.81
C CYS A 2 1.37 0.35 -2.45
N CYS A 3 1.02 -0.90 -2.31
CA CYS A 3 1.24 -1.60 -1.02
C CYS A 3 2.71 -1.47 -0.61
N SER A 4 3.61 -1.49 -1.55
CA SER A 4 5.05 -1.38 -1.22
C SER A 4 5.28 -0.17 -0.30
N GLU A 5 4.77 0.97 -0.67
CA GLU A 5 4.96 2.18 0.18
C GLU A 5 3.98 2.16 1.35
N PRO A 6 4.36 2.85 2.40
CA PRO A 6 3.52 2.94 3.62
C PRO A 6 2.30 3.83 3.35
N ARG A 7 2.32 4.58 2.29
CA ARG A 7 1.18 5.48 1.98
C ARG A 7 -0.05 4.66 1.58
N CYS A 8 0.15 3.42 1.20
CA CYS A 8 -1.01 2.57 0.80
C CYS A 8 -0.89 1.19 1.45
N ARG A 9 -0.10 1.08 2.48
CA ARG A 9 0.06 -0.23 3.17
C ARG A 9 -1.30 -0.84 3.51
N TYR A 10 -2.22 -0.03 3.97
CA TYR A 10 -3.57 -0.56 4.33
C TYR A 10 -4.50 -0.51 3.11
N ARG A 11 -4.37 0.48 2.29
CA ARG A 11 -5.25 0.59 1.09
C ARG A 11 -5.03 -0.61 0.17
N CYS A 12 -3.82 -1.09 0.08
CA CYS A 12 -3.54 -2.26 -0.79
C CYS A 12 -4.13 -3.53 -0.17
N ARG A 13 -4.15 -4.61 -0.90
CA ARG A 13 -4.71 -5.87 -0.34
C ARG A 13 -6.20 -5.70 -0.04
N GLY A 1 1.22 -2.88 -7.35
CA GLY A 1 1.34 -3.23 -5.91
C GLY A 1 1.58 -1.96 -5.09
N CYS A 2 0.54 -1.23 -4.80
CA CYS A 2 0.72 0.02 -4.00
C CYS A 2 1.35 -0.30 -2.65
N CYS A 3 1.18 -1.50 -2.16
CA CYS A 3 1.77 -1.87 -0.84
C CYS A 3 3.20 -1.32 -0.73
N SER A 4 3.92 -1.28 -1.82
CA SER A 4 5.31 -0.75 -1.78
C SER A 4 5.38 0.51 -0.92
N GLU A 5 4.81 1.60 -1.39
CA GLU A 5 4.85 2.85 -0.59
C GLU A 5 4.41 2.56 0.84
N PRO A 6 4.93 3.35 1.74
CA PRO A 6 4.60 3.20 3.18
C PRO A 6 3.21 3.78 3.47
N ARG A 7 2.78 4.73 2.69
CA ARG A 7 1.43 5.33 2.92
C ARG A 7 0.36 4.56 2.15
N CYS A 8 0.44 3.26 2.15
CA CYS A 8 -0.57 2.45 1.43
C CYS A 8 -0.76 1.11 2.13
N ARG A 9 -0.94 1.14 3.43
CA ARG A 9 -1.12 -0.14 4.18
C ARG A 9 -2.58 -0.58 4.11
N TYR A 10 -3.43 0.20 3.49
CA TYR A 10 -4.86 -0.20 3.37
C TYR A 10 -4.99 -1.42 2.45
N ARG A 11 -4.77 -1.24 1.18
CA ARG A 11 -4.87 -2.39 0.24
C ARG A 11 -3.82 -3.45 0.60
N CYS A 12 -2.68 -3.04 1.06
CA CYS A 12 -1.63 -4.02 1.43
C CYS A 12 -1.91 -4.57 2.83
N ARG A 13 -1.55 -5.80 3.10
CA ARG A 13 -1.80 -6.37 4.45
C ARG A 13 -0.48 -6.75 5.12
N GLY A 1 1.73 -1.94 -7.58
CA GLY A 1 1.28 -2.29 -6.21
C GLY A 1 1.49 -1.10 -5.27
N CYS A 2 0.43 -0.57 -4.72
CA CYS A 2 0.58 0.60 -3.80
C CYS A 2 1.11 0.14 -2.43
N CYS A 3 1.10 -1.13 -2.17
CA CYS A 3 1.60 -1.62 -0.85
C CYS A 3 3.13 -1.51 -0.80
N SER A 4 3.74 -1.12 -1.88
CA SER A 4 5.23 -0.99 -1.91
C SER A 4 5.68 0.15 -1.00
N GLU A 5 4.92 1.20 -0.92
CA GLU A 5 5.32 2.35 -0.05
C GLU A 5 4.48 2.38 1.23
N PRO A 6 4.94 3.15 2.18
CA PRO A 6 4.23 3.28 3.48
C PRO A 6 2.97 4.11 3.32
N ARG A 7 2.68 4.58 2.14
CA ARG A 7 1.46 5.41 1.93
C ARG A 7 0.32 4.54 1.40
N CYS A 8 0.33 3.29 1.75
CA CYS A 8 -0.74 2.36 1.29
C CYS A 8 -0.72 1.09 2.14
N ARG A 9 -0.94 1.22 3.42
CA ARG A 9 -0.93 0.01 4.31
C ARG A 9 -2.28 -0.71 4.21
N TYR A 10 -3.30 -0.02 3.77
CA TYR A 10 -4.64 -0.66 3.66
C TYR A 10 -4.75 -1.45 2.36
N ARG A 11 -4.99 -0.78 1.26
CA ARG A 11 -5.11 -1.49 -0.05
C ARG A 11 -3.74 -1.58 -0.72
N CYS A 12 -3.25 -2.77 -0.95
CA CYS A 12 -1.91 -2.92 -1.61
C CYS A 12 -2.01 -2.54 -3.09
N ARG A 13 -3.20 -2.35 -3.59
CA ARG A 13 -3.36 -1.98 -5.02
C ARG A 13 -3.66 -0.48 -5.16
N GLY A 1 0.45 -1.90 -7.56
CA GLY A 1 0.77 -2.26 -6.15
C GLY A 1 1.37 -1.04 -5.43
N CYS A 2 0.57 -0.34 -4.67
CA CYS A 2 1.10 0.86 -3.95
C CYS A 2 1.51 0.49 -2.53
N CYS A 3 0.93 -0.54 -1.98
CA CYS A 3 1.29 -0.95 -0.59
C CYS A 3 2.80 -1.10 -0.44
N SER A 4 3.50 -1.25 -1.54
CA SER A 4 4.98 -1.40 -1.46
C SER A 4 5.61 -0.16 -0.84
N GLU A 5 4.95 0.97 -0.95
CA GLU A 5 5.52 2.22 -0.37
C GLU A 5 4.86 2.54 0.98
N PRO A 6 5.48 3.43 1.70
CA PRO A 6 4.95 3.83 3.03
C PRO A 6 3.73 4.74 2.88
N ARG A 7 2.75 4.30 2.15
CA ARG A 7 1.53 5.13 1.96
C ARG A 7 0.29 4.23 1.88
N CYS A 8 0.39 3.12 1.22
CA CYS A 8 -0.78 2.21 1.11
C CYS A 8 -0.77 1.19 2.26
N ARG A 9 -1.61 1.38 3.23
CA ARG A 9 -1.64 0.42 4.38
C ARG A 9 -2.47 -0.81 4.02
N TYR A 10 -3.75 -0.73 4.22
CA TYR A 10 -4.64 -1.90 3.89
C TYR A 10 -5.14 -1.79 2.46
N ARG A 11 -4.95 -0.65 1.83
CA ARG A 11 -5.42 -0.48 0.43
C ARG A 11 -4.32 -0.91 -0.55
N CYS A 12 -3.69 -2.03 -0.32
CA CYS A 12 -2.62 -2.48 -1.24
C CYS A 12 -3.13 -2.49 -2.69
N ARG A 13 -3.69 -3.59 -3.13
CA ARG A 13 -4.20 -3.65 -4.53
C ARG A 13 -3.13 -3.16 -5.51
N GLY A 1 2.00 -1.81 -7.65
CA GLY A 1 1.90 -2.30 -6.25
C GLY A 1 1.93 -1.11 -5.29
N CYS A 2 0.79 -0.76 -4.74
CA CYS A 2 0.76 0.39 -3.79
C CYS A 2 1.14 -0.07 -2.38
N CYS A 3 0.85 -1.30 -2.06
CA CYS A 3 1.19 -1.82 -0.71
C CYS A 3 2.68 -1.65 -0.44
N SER A 4 3.46 -1.42 -1.46
CA SER A 4 4.93 -1.25 -1.27
C SER A 4 5.23 0.19 -0.84
N GLU A 5 4.22 0.96 -0.55
CA GLU A 5 4.45 2.37 -0.12
C GLU A 5 4.16 2.52 1.38
N PRO A 6 4.74 3.52 1.96
CA PRO A 6 4.55 3.77 3.42
C PRO A 6 3.14 4.31 3.68
N ARG A 7 2.53 4.91 2.71
CA ARG A 7 1.16 5.46 2.91
C ARG A 7 0.16 4.75 2.00
N CYS A 8 0.36 3.48 1.77
CA CYS A 8 -0.59 2.73 0.90
C CYS A 8 -0.49 1.23 1.19
N ARG A 9 -0.34 0.86 2.43
CA ARG A 9 -0.26 -0.59 2.78
C ARG A 9 -1.67 -1.11 3.09
N TYR A 10 -2.52 -0.26 3.57
CA TYR A 10 -3.90 -0.68 3.90
C TYR A 10 -4.81 -0.45 2.68
N ARG A 11 -4.42 0.43 1.81
CA ARG A 11 -5.25 0.71 0.60
C ARG A 11 -4.85 -0.23 -0.54
N CYS A 12 -3.60 -0.57 -0.63
CA CYS A 12 -3.15 -1.49 -1.72
C CYS A 12 -4.16 -2.63 -1.91
N ARG A 13 -4.88 -2.97 -0.88
CA ARG A 13 -5.88 -4.06 -1.00
C ARG A 13 -7.26 -3.47 -1.25
N GLY A 1 -2.32 -3.78 -4.63
CA GLY A 1 -1.00 -3.22 -5.03
C GLY A 1 -0.66 -2.00 -4.17
N CYS A 2 0.25 -1.19 -4.62
CA CYS A 2 0.64 0.03 -3.84
C CYS A 2 1.32 -0.36 -2.53
N CYS A 3 1.51 -1.63 -2.27
CA CYS A 3 2.19 -2.04 -1.02
C CYS A 3 3.64 -1.56 -1.02
N SER A 4 4.13 -1.15 -2.16
CA SER A 4 5.53 -0.67 -2.24
C SER A 4 5.77 0.50 -1.29
N GLU A 5 4.72 1.12 -0.82
CA GLU A 5 4.90 2.27 0.11
C GLU A 5 4.02 2.11 1.35
N PRO A 6 4.52 2.61 2.45
CA PRO A 6 3.78 2.52 3.74
C PRO A 6 2.63 3.53 3.76
N ARG A 7 2.44 4.27 2.71
CA ARG A 7 1.33 5.27 2.68
C ARG A 7 -0.01 4.57 2.52
N CYS A 8 -0.25 3.97 1.38
CA CYS A 8 -1.54 3.26 1.15
C CYS A 8 -1.50 1.86 1.76
N ARG A 9 -0.50 1.58 2.56
CA ARG A 9 -0.39 0.22 3.18
C ARG A 9 -1.76 -0.37 3.53
N TYR A 10 -2.74 0.45 3.80
CA TYR A 10 -4.08 -0.09 4.14
C TYR A 10 -4.60 -0.99 3.01
N ARG A 11 -4.12 -0.78 1.81
CA ARG A 11 -4.59 -1.64 0.68
C ARG A 11 -3.72 -2.89 0.57
N CYS A 12 -2.47 -2.80 0.92
CA CYS A 12 -1.57 -3.99 0.83
C CYS A 12 -2.05 -5.06 1.83
N ARG A 13 -3.19 -5.63 1.61
CA ARG A 13 -3.70 -6.68 2.53
C ARG A 13 -3.78 -6.13 3.96
N GLY A 1 -0.53 -3.35 -5.55
CA GLY A 1 0.92 -3.05 -5.66
C GLY A 1 1.24 -1.77 -4.88
N CYS A 2 0.24 -1.08 -4.42
CA CYS A 2 0.49 0.18 -3.66
C CYS A 2 1.21 -0.13 -2.34
N CYS A 3 1.26 -1.39 -1.97
CA CYS A 3 1.94 -1.75 -0.70
C CYS A 3 3.44 -1.43 -0.79
N SER A 4 3.92 -1.12 -1.95
CA SER A 4 5.37 -0.80 -2.10
C SER A 4 5.69 0.50 -1.36
N GLU A 5 4.68 1.26 -1.01
CA GLU A 5 4.92 2.55 -0.29
C GLU A 5 4.36 2.46 1.14
N PRO A 6 4.96 3.22 2.01
CA PRO A 6 4.52 3.23 3.43
C PRO A 6 3.21 4.02 3.58
N ARG A 7 2.67 4.53 2.51
CA ARG A 7 1.41 5.31 2.61
C ARG A 7 0.26 4.56 1.91
N CYS A 8 0.34 3.26 1.84
CA CYS A 8 -0.75 2.49 1.19
C CYS A 8 -0.94 1.14 1.88
N ARG A 9 -0.80 1.11 3.17
CA ARG A 9 -0.98 -0.17 3.92
C ARG A 9 -2.43 -0.64 3.82
N TYR A 10 -3.33 0.27 3.57
CA TYR A 10 -4.76 -0.11 3.46
C TYR A 10 -4.93 -1.37 2.60
N ARG A 11 -5.10 -1.20 1.31
CA ARG A 11 -5.27 -2.39 0.42
C ARG A 11 -4.27 -3.49 0.77
N CYS A 12 -3.01 -3.17 0.80
CA CYS A 12 -1.99 -4.22 1.13
C CYS A 12 -2.47 -5.09 2.29
N ARG A 13 -2.36 -6.38 2.17
CA ARG A 13 -2.82 -7.28 3.27
C ARG A 13 -1.65 -7.56 4.24
N GLY A 1 -0.34 -1.60 -7.49
CA GLY A 1 0.25 -2.10 -6.22
C GLY A 1 0.55 -0.93 -5.29
N CYS A 2 0.01 -0.94 -4.10
CA CYS A 2 0.26 0.18 -3.15
C CYS A 2 1.00 -0.34 -1.92
N CYS A 3 1.06 -1.63 -1.75
CA CYS A 3 1.77 -2.21 -0.58
C CYS A 3 3.24 -1.80 -0.60
N SER A 4 3.76 -1.51 -1.76
CA SER A 4 5.20 -1.10 -1.85
C SER A 4 5.43 0.20 -1.10
N GLU A 5 4.38 0.90 -0.76
CA GLU A 5 4.54 2.19 -0.02
C GLU A 5 3.81 2.14 1.32
N PRO A 6 4.38 2.80 2.29
CA PRO A 6 3.78 2.84 3.64
C PRO A 6 2.59 3.80 3.65
N ARG A 7 2.61 4.79 2.80
CA ARG A 7 1.48 5.76 2.75
C ARG A 7 0.15 5.02 2.53
N CYS A 8 0.07 4.24 1.49
CA CYS A 8 -1.19 3.50 1.21
C CYS A 8 -0.98 1.99 1.40
N ARG A 9 -0.21 1.61 2.39
CA ARG A 9 0.04 0.17 2.62
C ARG A 9 -1.28 -0.60 2.77
N TYR A 10 -2.30 0.06 3.24
CA TYR A 10 -3.62 -0.64 3.41
C TYR A 10 -4.01 -1.35 2.12
N ARG A 11 -4.85 -0.75 1.32
CA ARG A 11 -5.26 -1.41 0.05
C ARG A 11 -4.07 -1.54 -0.91
N CYS A 12 -3.56 -2.74 -1.03
CA CYS A 12 -2.38 -2.96 -1.94
C CYS A 12 -2.87 -3.34 -3.34
N ARG A 13 -2.15 -4.19 -4.01
CA ARG A 13 -2.56 -4.62 -5.38
C ARG A 13 -3.08 -3.40 -6.17
N GLY A 1 -0.51 -1.37 -7.70
CA GLY A 1 -0.14 -1.87 -6.35
C GLY A 1 0.60 -0.78 -5.59
N CYS A 2 0.09 -0.37 -4.47
CA CYS A 2 0.77 0.69 -3.67
C CYS A 2 1.15 0.17 -2.29
N CYS A 3 0.91 -1.09 -2.03
CA CYS A 3 1.27 -1.66 -0.70
C CYS A 3 2.77 -1.54 -0.45
N SER A 4 3.56 -1.54 -1.50
CA SER A 4 5.03 -1.42 -1.32
C SER A 4 5.37 -0.19 -0.47
N GLU A 5 5.09 0.99 -0.98
CA GLU A 5 5.39 2.22 -0.19
C GLU A 5 4.65 2.20 1.15
N PRO A 6 5.03 3.11 2.00
CA PRO A 6 4.39 3.21 3.34
C PRO A 6 3.04 3.93 3.24
N ARG A 7 2.96 4.93 2.42
CA ARG A 7 1.66 5.66 2.28
C ARG A 7 0.51 4.66 2.14
N CYS A 8 0.22 4.25 0.95
CA CYS A 8 -0.89 3.25 0.76
C CYS A 8 -0.69 2.07 1.70
N ARG A 9 -1.57 1.87 2.64
CA ARG A 9 -1.41 0.73 3.58
C ARG A 9 -2.31 -0.44 3.18
N TYR A 10 -2.78 -1.18 4.16
CA TYR A 10 -3.66 -2.35 3.88
C TYR A 10 -4.61 -2.07 2.70
N ARG A 11 -4.96 -0.83 2.48
CA ARG A 11 -5.89 -0.51 1.37
C ARG A 11 -5.28 -0.89 0.01
N CYS A 12 -4.01 -1.23 -0.01
CA CYS A 12 -3.38 -1.62 -1.31
C CYS A 12 -4.12 -2.79 -1.94
N ARG A 13 -5.15 -2.52 -2.70
CA ARG A 13 -5.92 -3.62 -3.34
C ARG A 13 -6.16 -4.75 -2.34
N GLY A 1 -1.99 -1.61 -6.79
CA GLY A 1 -1.43 -2.17 -5.53
C GLY A 1 -0.79 -1.04 -4.72
N CYS A 2 0.42 -0.67 -5.07
CA CYS A 2 1.12 0.43 -4.33
C CYS A 2 1.36 0.05 -2.85
N CYS A 3 1.00 -1.14 -2.45
CA CYS A 3 1.21 -1.53 -1.04
C CYS A 3 2.71 -1.50 -0.69
N SER A 4 3.55 -1.37 -1.67
CA SER A 4 5.02 -1.33 -1.40
C SER A 4 5.39 -0.06 -0.63
N GLU A 5 4.58 0.96 -0.70
CA GLU A 5 4.90 2.22 0.03
C GLU A 5 4.19 2.23 1.39
N PRO A 6 4.54 3.23 2.18
CA PRO A 6 3.95 3.37 3.54
C PRO A 6 2.52 3.90 3.46
N ARG A 7 2.31 4.99 2.76
CA ARG A 7 0.94 5.56 2.66
C ARG A 7 -0.01 4.55 2.02
N CYS A 8 0.52 3.51 1.41
CA CYS A 8 -0.34 2.48 0.78
C CYS A 8 -0.37 1.21 1.64
N ARG A 9 -0.31 1.36 2.93
CA ARG A 9 -0.33 0.17 3.82
C ARG A 9 -1.59 -0.67 3.59
N TYR A 10 -2.70 -0.24 4.10
CA TYR A 10 -3.96 -1.03 3.92
C TYR A 10 -4.70 -0.57 2.66
N ARG A 11 -4.30 0.53 2.08
CA ARG A 11 -4.98 1.03 0.86
C ARG A 11 -4.88 0.01 -0.28
N CYS A 12 -3.89 -0.83 -0.25
CA CYS A 12 -3.75 -1.85 -1.33
C CYS A 12 -4.73 -3.01 -1.11
N ARG A 13 -5.99 -2.70 -0.99
CA ARG A 13 -7.00 -3.79 -0.77
C ARG A 13 -8.04 -3.78 -1.90
N GLY A 1 -1.69 -2.93 -6.21
CA GLY A 1 -0.24 -2.60 -6.16
C GLY A 1 -0.04 -1.32 -5.35
N CYS A 2 -0.17 -1.41 -4.05
CA CYS A 2 0.02 -0.20 -3.20
C CYS A 2 0.92 -0.52 -2.00
N CYS A 3 1.40 -1.74 -1.92
CA CYS A 3 2.28 -2.11 -0.78
C CYS A 3 3.72 -1.67 -1.05
N SER A 4 3.93 -0.88 -2.07
CA SER A 4 5.31 -0.41 -2.38
C SER A 4 5.72 0.69 -1.39
N GLU A 5 4.80 1.52 -1.00
CA GLU A 5 5.12 2.61 -0.03
C GLU A 5 4.42 2.34 1.31
N PRO A 6 4.87 3.03 2.32
CA PRO A 6 4.30 2.86 3.67
C PRO A 6 2.91 3.51 3.76
N ARG A 7 2.65 4.47 2.90
CA ARG A 7 1.33 5.15 2.94
C ARG A 7 0.22 4.20 2.47
N CYS A 8 0.21 3.87 1.21
CA CYS A 8 -0.85 2.97 0.66
C CYS A 8 -0.72 1.57 1.27
N ARG A 9 -0.87 1.44 2.57
CA ARG A 9 -0.77 0.09 3.19
C ARG A 9 -2.16 -0.49 3.45
N TYR A 10 -3.15 0.35 3.60
CA TYR A 10 -4.53 -0.14 3.86
C TYR A 10 -4.98 -1.06 2.73
N ARG A 11 -4.90 -0.60 1.52
CA ARG A 11 -5.33 -1.44 0.36
C ARG A 11 -4.53 -2.74 0.34
N CYS A 12 -3.33 -2.69 -0.17
CA CYS A 12 -2.50 -3.94 -0.22
C CYS A 12 -2.60 -4.68 1.12
N ARG A 13 -2.53 -5.99 1.10
CA ARG A 13 -2.61 -6.76 2.36
C ARG A 13 -3.83 -6.30 3.17
N GLY A 1 -2.83 -2.22 -4.09
CA GLY A 1 -1.68 -2.94 -4.69
C GLY A 1 -0.40 -2.10 -4.53
N CYS A 2 -0.53 -0.89 -4.08
CA CYS A 2 0.66 -0.01 -3.90
C CYS A 2 1.26 -0.19 -2.51
N CYS A 3 0.85 -1.21 -1.80
CA CYS A 3 1.39 -1.44 -0.43
C CYS A 3 2.90 -1.19 -0.38
N SER A 4 3.57 -1.34 -1.49
CA SER A 4 5.05 -1.12 -1.50
C SER A 4 5.43 0.10 -0.66
N GLU A 5 4.92 1.26 -0.99
CA GLU A 5 5.27 2.48 -0.21
C GLU A 5 4.63 2.44 1.18
N PRO A 6 5.18 3.25 2.06
CA PRO A 6 4.68 3.31 3.46
C PRO A 6 3.41 4.16 3.55
N ARG A 7 2.81 4.50 2.44
CA ARG A 7 1.56 5.32 2.51
C ARG A 7 0.33 4.40 2.43
N CYS A 8 -0.09 4.02 1.26
CA CYS A 8 -1.27 3.12 1.16
C CYS A 8 -0.89 1.69 1.56
N ARG A 9 -0.94 1.40 2.84
CA ARG A 9 -0.57 0.02 3.30
C ARG A 9 -1.85 -0.79 3.55
N TYR A 10 -2.98 -0.27 3.16
CA TYR A 10 -4.25 -1.02 3.38
C TYR A 10 -4.57 -1.89 2.17
N ARG A 11 -4.38 -1.38 0.97
CA ARG A 11 -4.70 -2.17 -0.25
C ARG A 11 -3.54 -3.11 -0.61
N CYS A 12 -3.07 -3.88 0.33
CA CYS A 12 -1.95 -4.83 0.02
C CYS A 12 -2.52 -6.15 -0.53
N ARG A 13 -3.82 -6.29 -0.50
CA ARG A 13 -4.43 -7.55 -1.02
C ARG A 13 -4.44 -7.54 -2.55
N GLY A 1 1.89 -2.12 -7.24
CA GLY A 1 1.00 -2.20 -6.05
C GLY A 1 1.46 -1.19 -4.99
N CYS A 2 0.66 -0.19 -4.73
CA CYS A 2 1.06 0.83 -3.72
C CYS A 2 1.26 0.18 -2.35
N CYS A 3 0.72 -1.00 -2.16
CA CYS A 3 0.88 -1.70 -0.85
C CYS A 3 2.32 -1.60 -0.37
N SER A 4 3.26 -1.65 -1.27
CA SER A 4 4.69 -1.57 -0.86
C SER A 4 5.01 -0.17 -0.31
N GLU A 5 4.18 0.79 -0.59
CA GLU A 5 4.42 2.17 -0.09
C GLU A 5 3.89 2.32 1.34
N PRO A 6 4.53 3.17 2.09
CA PRO A 6 4.11 3.41 3.49
C PRO A 6 2.81 4.21 3.52
N ARG A 7 2.49 4.88 2.45
CA ARG A 7 1.23 5.69 2.41
C ARG A 7 0.08 4.83 1.87
N CYS A 8 0.37 3.65 1.40
CA CYS A 8 -0.70 2.76 0.88
C CYS A 8 -0.53 1.34 1.41
N ARG A 9 -0.03 1.21 2.61
CA ARG A 9 0.17 -0.15 3.20
C ARG A 9 -1.18 -0.87 3.34
N TYR A 10 -2.24 -0.13 3.43
CA TYR A 10 -3.58 -0.78 3.57
C TYR A 10 -3.95 -1.54 2.30
N ARG A 11 -4.45 -0.85 1.31
CA ARG A 11 -4.83 -1.53 0.04
C ARG A 11 -3.65 -1.54 -0.93
N CYS A 12 -3.48 -2.62 -1.63
CA CYS A 12 -2.36 -2.72 -2.60
C CYS A 12 -2.75 -2.10 -3.94
N ARG A 13 -3.95 -2.34 -4.39
CA ARG A 13 -4.39 -1.76 -5.69
C ARG A 13 -4.68 -0.26 -5.54
#